data_6EUI
#
_entry.id   6EUI
#
_cell.length_a   136.380
_cell.length_b   136.380
_cell.length_c   53.440
_cell.angle_alpha   90.00
_cell.angle_beta   90.00
_cell.angle_gamma   120.00
#
_symmetry.space_group_name_H-M   'H 3'
#
loop_
_entity.id
_entity.type
_entity.pdbx_description
1 polymer Beta-glucanase
2 non-polymer beta-D-galactopyranose
3 non-polymer 'CALCIUM ION'
4 water water
#
_entity_poly.entity_id   1
_entity_poly.type   'polypeptide(L)'
_entity_poly.pdbx_seq_one_letter_code
;MGSSHHHHHHSSGLVPRGSHMASQKEKGIASGKVWRDTDGNVINAHGGGILFHEGKYYWFGEHRPASGFVTEKGINCYSS
TDLYNWKSEGIALAVSEEEGHDIEKGCIMERPKVIYNAKTGKFVMWLHLELKGQGYGPARAAVAVSDSPAGPYRFIRSGR
VNPGAYPLNMTRKERKMKWNPEEYKEWWTPKWYEAIAKGMFVKRDLKDGQMSRDMTLFVDDDGKAYHIYSSEDNLTLQIA
ELADDYLSHTGKYIRIFPGGHNEAPAIFKKEGTYWMITSGCTGWDPNKARLLTADSMLGEWKQLPNPCVGEDADKTFGGQ
STYILPLPEKGQFFFMADMWRPKSLADSRYIWLPVQFDDKGVPFIKWMDRWNFD
;
_entity_poly.pdbx_strand_id   A
#
# COMPACT_ATOMS: atom_id res chain seq x y z
N ILE A 29 13.06 17.89 8.41
CA ILE A 29 12.30 16.64 8.62
C ILE A 29 12.87 15.88 9.80
N ALA A 30 12.08 15.75 10.86
CA ALA A 30 12.55 15.16 12.11
C ALA A 30 11.78 13.90 12.41
N SER A 31 12.27 12.76 11.91
CA SER A 31 11.57 11.50 12.01
C SER A 31 11.33 11.11 13.44
N GLY A 32 10.18 10.53 13.72
CA GLY A 32 9.89 10.03 15.07
C GLY A 32 9.31 11.04 16.06
N LYS A 33 9.40 12.33 15.76
CA LYS A 33 8.86 13.38 16.65
C LYS A 33 7.36 13.62 16.42
N VAL A 34 6.72 14.35 17.34
CA VAL A 34 5.35 14.76 17.12
C VAL A 34 5.31 15.86 16.04
N TRP A 35 4.61 15.64 14.93
CA TRP A 35 4.45 16.64 13.88
C TRP A 35 3.06 17.24 14.03
N ARG A 36 2.97 18.55 13.83
CA ARG A 36 1.70 19.26 13.95
C ARG A 36 1.41 20.04 12.68
N ASP A 37 0.13 20.19 12.38
CA ASP A 37 -0.32 21.01 11.22
C ASP A 37 -0.23 22.52 11.54
N THR A 38 -0.68 23.36 10.60
CA THR A 38 -0.54 24.82 10.77
C THR A 38 -1.49 25.41 11.81
N ASP A 39 -2.48 24.64 12.28
CA ASP A 39 -3.32 25.05 13.43
C ASP A 39 -2.73 24.56 14.80
N GLY A 40 -1.58 23.86 14.80
CA GLY A 40 -1.01 23.29 16.05
C GLY A 40 -1.57 21.94 16.44
N ASN A 41 -2.38 21.33 15.57
CA ASN A 41 -2.96 20.01 15.83
C ASN A 41 -2.04 18.91 15.28
N VAL A 42 -2.02 17.76 15.98
CA VAL A 42 -1.21 16.62 15.60
C VAL A 42 -1.66 16.08 14.22
N ILE A 43 -0.70 15.85 13.33
CA ILE A 43 -0.99 15.33 12.00
C ILE A 43 -1.39 13.87 12.10
N ASN A 44 -2.56 13.58 11.53
CA ASN A 44 -3.21 12.29 11.67
C ASN A 44 -3.50 11.72 10.27
N ALA A 45 -2.51 11.01 9.72
CA ALA A 45 -2.50 10.59 8.30
C ALA A 45 -1.56 9.38 8.16
N HIS A 46 -2.01 8.27 8.71
CA HIS A 46 -1.17 7.05 8.87
C HIS A 46 -1.39 6.10 7.69
N GLY A 47 -0.44 5.21 7.44
CA GLY A 47 -0.51 4.34 6.29
C GLY A 47 -0.63 5.13 5.00
N GLY A 48 -0.02 6.30 4.96
CA GLY A 48 -0.31 7.28 3.94
C GLY A 48 0.55 7.28 2.69
N GLY A 49 0.36 8.33 1.93
CA GLY A 49 1.02 8.54 0.65
C GLY A 49 0.79 9.97 0.19
N ILE A 50 1.59 10.44 -0.77
CA ILE A 50 1.59 11.82 -1.22
C ILE A 50 1.53 11.91 -2.75
N LEU A 51 0.79 12.88 -3.24
CA LEU A 51 0.90 13.29 -4.65
C LEU A 51 1.11 14.78 -4.78
N PHE A 52 1.59 15.22 -5.93
CA PHE A 52 1.75 16.64 -6.20
C PHE A 52 0.79 17.08 -7.32
N HIS A 53 0.02 18.14 -7.10
CA HIS A 53 -0.93 18.60 -8.12
C HIS A 53 -1.08 20.10 -8.03
N GLU A 54 -0.96 20.78 -9.17
CA GLU A 54 -1.08 22.25 -9.32
C GLU A 54 -0.33 23.02 -8.21
N GLY A 55 0.92 22.65 -7.99
CA GLY A 55 1.78 23.41 -7.11
C GLY A 55 1.80 22.98 -5.66
N LYS A 56 1.01 21.98 -5.28
CA LYS A 56 0.96 21.54 -3.86
C LYS A 56 1.06 20.04 -3.70
N TYR A 57 1.69 19.64 -2.59
CA TYR A 57 1.67 18.28 -2.15
C TYR A 57 0.38 17.99 -1.35
N TYR A 58 -0.23 16.83 -1.59
CA TYR A 58 -1.36 16.34 -0.80
C TYR A 58 -1.01 15.00 -0.19
N TRP A 59 -1.14 14.93 1.14
CA TRP A 59 -0.80 13.76 1.94
C TRP A 59 -2.12 13.19 2.42
N PHE A 60 -2.45 12.00 1.93
CA PHE A 60 -3.61 11.24 2.37
C PHE A 60 -3.19 10.11 3.32
N GLY A 61 -4.02 9.86 4.34
CA GLY A 61 -3.73 8.84 5.30
C GLY A 61 -4.93 8.55 6.19
N GLU A 62 -4.80 7.48 6.97
CA GLU A 62 -5.83 7.04 7.92
C GLU A 62 -5.98 8.07 9.02
N HIS A 63 -7.21 8.51 9.26
CA HIS A 63 -7.52 9.18 10.52
C HIS A 63 -7.65 8.07 11.56
N ARG A 64 -6.77 8.07 12.55
CA ARG A 64 -6.85 7.07 13.60
C ARG A 64 -7.38 7.75 14.87
N PRO A 65 -8.30 7.08 15.58
CA PRO A 65 -8.82 7.61 16.85
C PRO A 65 -7.85 7.36 17.99
N ALA A 66 -8.07 8.04 19.12
CA ALA A 66 -7.21 7.86 20.30
C ALA A 66 -7.28 6.47 20.96
N SER A 67 -8.34 5.70 20.67
CA SER A 67 -8.54 4.33 21.12
C SER A 67 -9.22 3.45 20.07
N GLY A 68 -9.03 2.15 20.18
CA GLY A 68 -9.63 1.21 19.26
C GLY A 68 -8.89 1.01 17.94
N PHE A 69 -9.50 0.18 17.10
CA PHE A 69 -8.90 -0.25 15.81
C PHE A 69 -9.89 -0.15 14.64
N VAL A 70 -10.81 0.82 14.70
CA VAL A 70 -11.75 1.03 13.60
C VAL A 70 -11.70 2.46 13.14
N THR A 71 -12.31 2.68 11.98
CA THR A 71 -12.34 4.01 11.40
C THR A 71 -13.66 4.66 11.84
N GLU A 72 -13.49 5.76 12.60
CA GLU A 72 -14.56 6.65 13.04
C GLU A 72 -14.88 7.75 12.03
N LYS A 73 -13.86 8.30 11.35
CA LYS A 73 -14.03 9.45 10.44
C LYS A 73 -13.73 9.18 8.96
N GLY A 74 -12.66 8.41 8.70
CA GLY A 74 -12.28 8.04 7.32
C GLY A 74 -10.83 8.40 6.97
N ILE A 75 -10.65 8.86 5.74
CA ILE A 75 -9.32 9.17 5.20
C ILE A 75 -9.11 10.70 5.27
N ASN A 76 -8.02 11.10 5.91
CA ASN A 76 -7.64 12.50 6.19
C ASN A 76 -6.70 13.00 5.09
N CYS A 77 -6.66 14.32 4.90
CA CYS A 77 -5.83 14.96 3.88
C CYS A 77 -5.18 16.22 4.43
N TYR A 78 -3.93 16.41 4.07
CA TYR A 78 -3.15 17.56 4.48
C TYR A 78 -2.46 18.04 3.21
N SER A 79 -2.20 19.34 3.11
CA SER A 79 -1.53 19.90 1.93
C SER A 79 -0.37 20.78 2.30
N SER A 80 0.56 20.96 1.37
CA SER A 80 1.78 21.71 1.66
C SER A 80 2.43 22.12 0.36
N THR A 81 3.09 23.26 0.36
CA THR A 81 3.92 23.67 -0.79
C THR A 81 5.37 23.27 -0.64
N ASP A 82 5.82 22.89 0.55
CA ASP A 82 7.26 22.71 0.83
C ASP A 82 7.70 21.37 1.53
N LEU A 83 6.72 20.53 1.88
CA LEU A 83 6.90 19.27 2.63
C LEU A 83 7.29 19.42 4.11
N TYR A 84 7.22 20.65 4.63
CA TYR A 84 7.51 20.98 6.05
C TYR A 84 6.28 21.45 6.80
N ASN A 85 5.51 22.36 6.21
CA ASN A 85 4.33 22.94 6.82
C ASN A 85 3.06 22.37 6.18
N TRP A 86 2.19 21.78 6.99
CA TRP A 86 1.05 21.00 6.49
C TRP A 86 -0.22 21.62 6.95
N LYS A 87 -1.08 22.00 6.00
CA LYS A 87 -2.39 22.55 6.32
C LYS A 87 -3.38 21.41 6.31
N SER A 88 -4.20 21.29 7.38
CA SER A 88 -5.33 20.36 7.38
C SER A 88 -6.36 20.69 6.32
N GLU A 89 -6.64 19.75 5.42
CA GLU A 89 -7.72 19.92 4.43
C GLU A 89 -9.01 19.25 4.86
N GLY A 90 -8.97 18.54 5.97
CA GLY A 90 -10.13 17.84 6.46
C GLY A 90 -10.23 16.43 5.89
N ILE A 91 -11.32 15.78 6.24
CA ILE A 91 -11.58 14.42 5.75
C ILE A 91 -11.88 14.45 4.24
N ALA A 92 -11.09 13.69 3.49
CA ALA A 92 -11.23 13.53 2.05
C ALA A 92 -12.23 12.45 1.65
N LEU A 93 -12.21 11.29 2.34
CA LEU A 93 -13.19 10.22 2.16
C LEU A 93 -13.81 9.91 3.50
N ALA A 94 -15.10 10.26 3.66
CA ALA A 94 -15.77 10.14 4.96
C ALA A 94 -16.45 8.77 5.04
N VAL A 95 -16.51 8.22 6.23
CA VAL A 95 -17.36 7.07 6.51
C VAL A 95 -18.82 7.42 6.20
N SER A 96 -19.58 6.42 5.75
CA SER A 96 -21.04 6.53 5.51
C SER A 96 -21.82 6.42 6.83
N GLU A 97 -22.94 7.14 6.94
CA GLU A 97 -23.87 6.98 8.08
C GLU A 97 -24.99 5.97 7.79
N GLU A 98 -25.11 5.54 6.55
CA GLU A 98 -26.11 4.57 6.16
C GLU A 98 -25.77 3.16 6.68
N GLU A 99 -26.65 2.63 7.52
CA GLU A 99 -26.52 1.29 8.10
C GLU A 99 -26.37 0.22 7.01
N GLY A 100 -25.45 -0.71 7.23
CA GLY A 100 -25.08 -1.74 6.24
C GLY A 100 -24.25 -1.29 5.03
N HIS A 101 -23.85 -0.03 4.97
CA HIS A 101 -23.02 0.45 3.84
C HIS A 101 -21.58 -0.11 3.97
N ASP A 102 -20.94 -0.36 2.83
CA ASP A 102 -19.54 -0.88 2.76
C ASP A 102 -18.57 -0.09 3.64
N ILE A 103 -18.70 1.22 3.64
CA ILE A 103 -17.87 2.10 4.44
C ILE A 103 -18.67 2.78 5.55
N GLU A 104 -19.65 2.08 6.09
CA GLU A 104 -20.32 2.52 7.29
C GLU A 104 -19.30 2.77 8.40
N LYS A 105 -19.54 3.79 9.22
CA LYS A 105 -18.77 4.00 10.44
C LYS A 105 -18.55 2.69 11.20
N GLY A 106 -17.28 2.39 11.51
CA GLY A 106 -16.89 1.18 12.21
C GLY A 106 -16.26 0.15 11.30
N CYS A 107 -16.27 0.40 9.98
CA CYS A 107 -15.43 -0.38 9.05
C CYS A 107 -13.95 -0.08 9.36
N ILE A 108 -13.03 -0.79 8.71
CA ILE A 108 -11.61 -0.49 8.83
C ILE A 108 -11.16 0.01 7.45
N MET A 109 -10.62 1.22 7.42
CA MET A 109 -10.12 1.84 6.18
C MET A 109 -8.62 2.02 6.36
N GLU A 110 -7.80 1.31 5.58
CA GLU A 110 -6.35 1.37 5.72
C GLU A 110 -5.59 1.67 4.41
N ARG A 111 -4.40 2.21 4.59
CA ARG A 111 -3.43 2.42 3.51
C ARG A 111 -3.96 3.06 2.21
N PRO A 112 -4.69 4.17 2.36
CA PRO A 112 -5.22 4.79 1.19
C PRO A 112 -4.11 5.34 0.29
N LYS A 113 -4.40 5.37 -1.01
CA LYS A 113 -3.49 5.96 -2.01
C LYS A 113 -4.30 6.69 -3.07
N VAL A 114 -3.81 7.83 -3.54
CA VAL A 114 -4.49 8.58 -4.56
C VAL A 114 -3.57 8.76 -5.77
N ILE A 115 -4.12 8.59 -6.95
CA ILE A 115 -3.44 8.83 -8.24
C ILE A 115 -4.35 9.71 -9.13
N TYR A 116 -3.72 10.61 -9.83
CA TYR A 116 -4.43 11.49 -10.77
C TYR A 116 -4.49 10.79 -12.11
N ASN A 117 -5.69 10.68 -12.65
CA ASN A 117 -5.89 10.13 -13.99
C ASN A 117 -5.89 11.27 -15.04
N ALA A 118 -4.85 11.32 -15.87
CA ALA A 118 -4.66 12.37 -16.87
C ALA A 118 -5.78 12.36 -17.94
N LYS A 119 -6.23 11.17 -18.32
CA LYS A 119 -7.27 11.03 -19.34
C LYS A 119 -8.59 11.67 -18.91
N THR A 120 -9.10 11.27 -17.76
CA THR A 120 -10.37 11.76 -17.28
C THR A 120 -10.28 13.04 -16.42
N GLY A 121 -9.07 13.42 -16.00
CA GLY A 121 -8.89 14.56 -15.11
C GLY A 121 -9.42 14.38 -13.69
N LYS A 122 -9.62 13.13 -13.26
CA LYS A 122 -10.17 12.80 -11.95
C LYS A 122 -9.07 12.29 -10.98
N PHE A 123 -9.31 12.47 -9.67
CA PHE A 123 -8.46 11.86 -8.63
C PHE A 123 -9.08 10.57 -8.15
N VAL A 124 -8.31 9.48 -8.20
CA VAL A 124 -8.83 8.14 -7.89
C VAL A 124 -8.11 7.62 -6.65
N MET A 125 -8.88 7.30 -5.61
CA MET A 125 -8.39 6.77 -4.37
C MET A 125 -8.70 5.28 -4.27
N TRP A 126 -7.66 4.48 -3.96
CA TRP A 126 -7.83 3.07 -3.62
C TRP A 126 -7.41 2.88 -2.17
N LEU A 127 -8.08 1.99 -1.45
CA LEU A 127 -7.73 1.72 -0.05
C LEU A 127 -8.12 0.30 0.29
N HIS A 128 -7.55 -0.16 1.41
CA HIS A 128 -7.87 -1.42 2.01
C HIS A 128 -9.13 -1.24 2.88
N LEU A 129 -10.17 -2.02 2.60
CA LEU A 129 -11.42 -1.99 3.35
C LEU A 129 -11.68 -3.34 3.98
N GLU A 130 -12.01 -3.31 5.26
CA GLU A 130 -12.56 -4.47 5.93
C GLU A 130 -13.94 -4.04 6.46
N LEU A 131 -14.95 -4.85 6.16
CA LEU A 131 -16.34 -4.51 6.50
C LEU A 131 -16.56 -4.48 8.00
N LYS A 132 -17.37 -3.53 8.46
CA LYS A 132 -17.68 -3.36 9.87
C LYS A 132 -18.10 -4.71 10.52
N GLY A 133 -17.51 -4.96 11.69
CA GLY A 133 -17.80 -6.13 12.50
C GLY A 133 -17.20 -7.44 12.02
N GLN A 134 -16.45 -7.46 10.92
CA GLN A 134 -15.92 -8.70 10.36
C GLN A 134 -14.40 -8.86 10.48
N GLY A 135 -13.76 -8.14 11.40
CA GLY A 135 -12.30 -8.21 11.58
C GLY A 135 -11.59 -7.93 10.26
N TYR A 136 -10.62 -8.77 9.89
CA TYR A 136 -9.87 -8.64 8.63
C TYR A 136 -10.23 -9.72 7.60
N GLY A 137 -11.39 -10.38 7.78
CA GLY A 137 -11.78 -11.48 6.92
C GLY A 137 -12.15 -11.08 5.50
N PRO A 138 -12.92 -9.99 5.34
CA PRO A 138 -13.33 -9.63 3.98
C PRO A 138 -12.18 -9.37 2.98
N ALA A 139 -11.05 -8.81 3.45
CA ALA A 139 -9.87 -8.57 2.61
C ALA A 139 -10.21 -7.92 1.24
N ARG A 140 -10.82 -6.72 1.27
CA ARG A 140 -11.22 -6.03 0.04
C ARG A 140 -10.38 -4.83 -0.28
N ALA A 141 -10.37 -4.46 -1.55
CA ALA A 141 -9.94 -3.13 -1.94
C ALA A 141 -11.22 -2.35 -2.28
N ALA A 142 -11.15 -1.04 -2.09
CA ALA A 142 -12.24 -0.13 -2.39
C ALA A 142 -11.71 1.04 -3.20
N VAL A 143 -12.58 1.60 -4.03
CA VAL A 143 -12.22 2.69 -4.95
C VAL A 143 -13.22 3.83 -4.76
N ALA A 144 -12.70 5.05 -4.79
CA ALA A 144 -13.50 6.31 -4.71
C ALA A 144 -12.93 7.34 -5.67
N VAL A 145 -13.70 8.38 -6.01
CA VAL A 145 -13.26 9.33 -7.02
C VAL A 145 -13.66 10.77 -6.65
N SER A 146 -12.84 11.73 -7.07
CA SER A 146 -13.04 13.15 -6.82
C SER A 146 -12.58 13.99 -8.01
N ASP A 147 -13.20 15.17 -8.21
CA ASP A 147 -12.74 16.15 -9.23
C ASP A 147 -11.64 17.07 -8.69
N SER A 148 -11.51 17.10 -7.37
CA SER A 148 -10.46 17.90 -6.73
CA SER A 148 -10.53 17.92 -6.66
C SER A 148 -9.62 17.05 -5.76
N PRO A 149 -8.34 17.44 -5.60
CA PRO A 149 -7.41 16.63 -4.83
C PRO A 149 -7.85 16.35 -3.40
N ALA A 150 -8.39 17.36 -2.70
CA ALA A 150 -8.74 17.20 -1.28
C ALA A 150 -10.14 16.63 -1.03
N GLY A 151 -10.90 16.40 -2.09
CA GLY A 151 -12.19 15.74 -1.97
C GLY A 151 -13.32 16.79 -2.07
N PRO A 152 -14.54 16.41 -1.73
CA PRO A 152 -14.85 15.07 -1.20
C PRO A 152 -14.77 13.98 -2.25
N TYR A 153 -14.36 12.79 -1.80
CA TYR A 153 -14.29 11.63 -2.63
C TYR A 153 -15.62 10.93 -2.52
N ARG A 154 -16.08 10.41 -3.66
CA ARG A 154 -17.30 9.62 -3.75
C ARG A 154 -16.93 8.14 -3.89
N PHE A 155 -17.31 7.37 -2.89
CA PHE A 155 -17.23 5.90 -2.92
C PHE A 155 -18.02 5.31 -4.10
N ILE A 156 -17.36 4.42 -4.83
CA ILE A 156 -17.91 3.70 -5.96
C ILE A 156 -18.26 2.28 -5.53
N ARG A 157 -17.27 1.48 -5.11
CA ARG A 157 -17.51 0.09 -4.70
C ARG A 157 -16.30 -0.51 -3.95
N SER A 158 -16.53 -1.68 -3.36
CA SER A 158 -15.49 -2.51 -2.81
C SER A 158 -15.61 -3.95 -3.34
N GLY A 159 -14.52 -4.69 -3.21
CA GLY A 159 -14.54 -6.14 -3.49
C GLY A 159 -13.13 -6.70 -3.54
N ARG A 160 -13.08 -8.03 -3.62
CA ARG A 160 -11.87 -8.75 -3.91
C ARG A 160 -11.58 -8.58 -5.40
N VAL A 161 -10.37 -8.94 -5.82
CA VAL A 161 -9.84 -8.42 -7.08
C VAL A 161 -9.92 -9.46 -8.20
N ASN A 162 -10.39 -9.04 -9.37
CA ASN A 162 -10.41 -9.87 -10.60
C ASN A 162 -11.07 -11.25 -10.41
N PRO A 163 -12.36 -11.29 -10.01
CA PRO A 163 -13.04 -12.63 -9.98
C PRO A 163 -12.99 -13.38 -11.33
N GLY A 164 -12.68 -14.67 -11.30
CA GLY A 164 -12.62 -15.49 -12.49
C GLY A 164 -11.30 -15.52 -13.24
N ALA A 165 -10.34 -14.62 -12.92
CA ALA A 165 -9.11 -14.49 -13.69
C ALA A 165 -7.93 -15.15 -13.01
N TYR A 166 -7.17 -15.92 -13.79
CA TYR A 166 -5.86 -16.42 -13.39
C TYR A 166 -4.74 -15.40 -13.63
N PRO A 167 -3.69 -15.46 -12.79
CA PRO A 167 -2.46 -14.75 -13.10
C PRO A 167 -1.81 -15.14 -14.42
N LEU A 168 -1.27 -14.16 -15.17
CA LEU A 168 -0.51 -14.47 -16.38
C LEU A 168 0.62 -15.44 -16.14
N ASN A 169 1.27 -15.35 -14.98
CA ASN A 169 2.45 -16.16 -14.68
C ASN A 169 2.11 -17.45 -13.89
N MET A 170 0.89 -17.97 -14.06
CA MET A 170 0.54 -19.33 -13.68
C MET A 170 0.43 -20.13 -14.97
N THR A 171 1.24 -21.17 -15.14
CA THR A 171 1.22 -21.95 -16.39
C THR A 171 -0.08 -22.77 -16.55
N ARG A 172 -0.33 -23.25 -17.77
CA ARG A 172 -1.54 -24.06 -18.09
C ARG A 172 -1.57 -25.29 -17.19
N LYS A 173 -0.39 -25.90 -17.03
CA LYS A 173 -0.22 -27.02 -16.11
C LYS A 173 -0.58 -26.69 -14.67
N GLU A 174 -0.06 -25.57 -14.15
CA GLU A 174 -0.41 -25.14 -12.79
C GLU A 174 -1.90 -24.83 -12.61
N ARG A 175 -2.50 -24.21 -13.63
CA ARG A 175 -3.92 -23.89 -13.60
C ARG A 175 -4.81 -25.13 -13.53
N LYS A 176 -4.34 -26.26 -14.07
CA LYS A 176 -5.13 -27.52 -14.04
C LYS A 176 -5.12 -28.23 -12.69
N MET A 177 -4.08 -28.02 -11.88
CA MET A 177 -3.95 -28.70 -10.58
C MET A 177 -5.17 -28.46 -9.68
N LYS A 178 -5.64 -29.49 -8.99
CA LYS A 178 -6.72 -29.40 -8.00
C LYS A 178 -6.17 -29.73 -6.62
N TRP A 179 -6.75 -29.10 -5.60
CA TRP A 179 -6.24 -29.14 -4.22
C TRP A 179 -7.41 -29.38 -3.29
N ASN A 180 -7.52 -30.62 -2.77
CA ASN A 180 -8.62 -30.96 -1.88
C ASN A 180 -8.39 -30.30 -0.52
N PRO A 181 -9.27 -29.39 -0.09
CA PRO A 181 -9.01 -28.63 1.12
C PRO A 181 -8.82 -29.45 2.40
N GLU A 182 -9.42 -30.63 2.50
CA GLU A 182 -9.27 -31.48 3.69
C GLU A 182 -7.84 -32.06 3.79
N GLU A 183 -7.20 -32.29 2.64
CA GLU A 183 -5.82 -32.77 2.63
C GLU A 183 -4.77 -31.72 3.02
N TYR A 184 -5.14 -30.43 2.97
CA TYR A 184 -4.20 -29.30 3.23
C TYR A 184 -4.63 -28.40 4.41
N LYS A 185 -5.27 -28.99 5.42
CA LYS A 185 -5.75 -28.21 6.58
C LYS A 185 -4.62 -27.60 7.44
N GLU A 186 -3.53 -28.34 7.63
CA GLU A 186 -2.44 -27.89 8.49
C GLU A 186 -1.54 -26.93 7.69
N TRP A 187 -1.45 -25.69 8.16
CA TRP A 187 -0.53 -24.71 7.56
C TRP A 187 0.94 -25.06 7.92
N TRP A 188 1.83 -24.71 6.99
CA TRP A 188 3.28 -24.72 7.15
C TRP A 188 3.90 -26.12 7.12
N THR A 189 3.14 -27.10 6.64
CA THR A 189 3.73 -28.37 6.27
C THR A 189 4.45 -28.18 4.94
N PRO A 190 5.38 -29.10 4.59
CA PRO A 190 6.02 -29.05 3.29
C PRO A 190 5.02 -29.10 2.13
N LYS A 191 4.06 -30.03 2.17
CA LYS A 191 3.07 -30.13 1.09
C LYS A 191 2.22 -28.84 0.99
N TRP A 192 1.91 -28.24 2.13
CA TRP A 192 1.07 -27.04 2.13
C TRP A 192 1.82 -25.85 1.49
N TYR A 193 3.06 -25.68 1.90
CA TYR A 193 3.89 -24.59 1.32
C TYR A 193 4.07 -24.70 -0.19
N GLU A 194 4.35 -25.91 -0.70
CA GLU A 194 4.43 -26.15 -2.12
C GLU A 194 3.10 -25.83 -2.79
N ALA A 195 2.02 -26.28 -2.19
CA ALA A 195 0.72 -26.00 -2.74
C ALA A 195 0.45 -24.48 -2.84
N ILE A 196 0.70 -23.74 -1.76
CA ILE A 196 0.61 -22.30 -1.77
C ILE A 196 1.45 -21.70 -2.91
N ALA A 197 2.69 -22.18 -3.07
CA ALA A 197 3.57 -21.68 -4.12
C ALA A 197 3.03 -21.90 -5.49
N LYS A 198 2.37 -23.04 -5.70
CA LYS A 198 1.83 -23.39 -6.98
C LYS A 198 0.45 -22.83 -7.24
N GLY A 199 -0.14 -22.17 -6.25
CA GLY A 199 -1.38 -21.42 -6.46
C GLY A 199 -2.67 -21.96 -5.87
N MET A 200 -2.55 -22.73 -4.80
CA MET A 200 -3.71 -23.31 -4.14
C MET A 200 -4.70 -22.26 -3.64
N PHE A 201 -4.23 -21.20 -3.01
CA PHE A 201 -5.14 -20.12 -2.60
C PHE A 201 -5.64 -19.20 -3.74
N VAL A 202 -4.88 -19.08 -4.83
CA VAL A 202 -5.39 -18.39 -6.03
C VAL A 202 -6.68 -19.14 -6.44
N LYS A 203 -6.59 -20.48 -6.58
CA LYS A 203 -7.78 -21.26 -7.01
C LYS A 203 -8.91 -21.24 -6.02
N ARG A 204 -8.60 -21.39 -4.75
CA ARG A 204 -9.57 -21.24 -3.69
C ARG A 204 -10.34 -19.93 -3.90
N ASP A 205 -9.65 -18.84 -4.22
CA ASP A 205 -10.27 -17.51 -4.26
C ASP A 205 -10.76 -17.10 -5.63
N LEU A 206 -10.62 -17.99 -6.62
CA LEU A 206 -10.77 -17.63 -8.03
C LEU A 206 -12.19 -17.11 -8.35
N LYS A 207 -13.21 -17.72 -7.77
CA LYS A 207 -14.61 -17.35 -8.09
C LYS A 207 -14.96 -15.95 -7.63
N ASP A 208 -14.70 -15.64 -6.36
CA ASP A 208 -15.09 -14.35 -5.75
C ASP A 208 -14.05 -13.23 -5.86
N GLY A 209 -12.81 -13.57 -6.23
CA GLY A 209 -11.75 -12.60 -6.47
C GLY A 209 -10.62 -12.79 -5.48
N GLN A 210 -9.45 -12.27 -5.83
CA GLN A 210 -8.21 -12.39 -5.02
C GLN A 210 -8.26 -11.44 -3.82
N MET A 211 -7.75 -11.91 -2.69
CA MET A 211 -7.74 -11.12 -1.48
C MET A 211 -6.81 -9.91 -1.64
N SER A 212 -7.22 -8.79 -1.03
CA SER A 212 -6.42 -7.59 -1.02
C SER A 212 -6.46 -6.96 0.34
N ARG A 213 -5.30 -6.91 0.98
CA ARG A 213 -5.14 -6.19 2.23
C ARG A 213 -4.12 -5.02 2.07
N ASP A 214 -2.88 -5.09 2.61
CA ASP A 214 -1.94 -3.98 2.44
C ASP A 214 -1.78 -3.75 0.92
N MET A 215 -1.71 -2.50 0.50
CA MET A 215 -1.70 -2.18 -0.92
C MET A 215 -1.07 -0.85 -1.25
N THR A 216 -0.78 -0.67 -2.52
CA THR A 216 -0.34 0.62 -3.00
C THR A 216 -0.73 0.73 -4.46
N LEU A 217 -0.42 1.90 -5.05
CA LEU A 217 -0.67 2.17 -6.45
C LEU A 217 0.58 2.69 -7.06
N PHE A 218 0.73 2.45 -8.36
CA PHE A 218 1.83 3.05 -9.12
C PHE A 218 1.36 3.38 -10.54
N VAL A 219 1.60 4.63 -10.96
CA VAL A 219 1.36 5.06 -12.34
C VAL A 219 2.67 5.07 -13.13
N ASP A 220 2.75 4.27 -14.17
CA ASP A 220 3.97 4.10 -14.97
C ASP A 220 4.11 5.17 -16.06
N ASP A 221 5.25 5.14 -16.75
CA ASP A 221 5.66 6.10 -17.78
CA ASP A 221 5.56 6.22 -17.66
C ASP A 221 4.67 6.24 -18.90
N ASP A 222 4.02 5.12 -19.23
CA ASP A 222 3.10 5.04 -20.34
C ASP A 222 1.64 5.39 -19.94
N GLY A 223 1.44 5.88 -18.71
CA GLY A 223 0.09 6.13 -18.19
C GLY A 223 -0.66 4.92 -17.65
N LYS A 224 -0.12 3.71 -17.77
CA LYS A 224 -0.75 2.57 -17.14
C LYS A 224 -0.53 2.61 -15.61
N ALA A 225 -1.60 2.33 -14.88
CA ALA A 225 -1.54 2.25 -13.45
C ALA A 225 -1.69 0.82 -12.97
N TYR A 226 -1.05 0.55 -11.84
CA TYR A 226 -1.03 -0.76 -11.22
C TYR A 226 -1.43 -0.69 -9.78
N HIS A 227 -2.15 -1.70 -9.38
CA HIS A 227 -2.57 -1.91 -8.01
C HIS A 227 -1.75 -3.06 -7.46
N ILE A 228 -0.93 -2.79 -6.45
CA ILE A 228 -0.02 -3.80 -5.87
C ILE A 228 -0.55 -4.11 -4.47
N TYR A 229 -0.74 -5.38 -4.17
CA TYR A 229 -1.42 -5.75 -2.91
C TYR A 229 -1.02 -7.11 -2.36
N SER A 230 -1.07 -7.24 -1.03
CA SER A 230 -0.82 -8.51 -0.36
CA SER A 230 -0.83 -8.52 -0.37
C SER A 230 -2.09 -9.38 -0.45
N SER A 231 -1.95 -10.55 -1.05
CA SER A 231 -3.05 -11.43 -1.40
C SER A 231 -2.86 -12.81 -0.78
N GLU A 232 -3.79 -13.72 -1.07
CA GLU A 232 -3.68 -15.11 -0.68
C GLU A 232 -3.40 -15.23 0.82
N ASP A 233 -4.32 -14.73 1.65
CA ASP A 233 -4.15 -14.79 3.11
C ASP A 233 -2.84 -14.10 3.56
N ASN A 234 -2.49 -12.99 2.90
CA ASN A 234 -1.28 -12.19 3.14
C ASN A 234 0.02 -12.86 2.64
N LEU A 235 -0.05 -14.08 2.13
CA LEU A 235 1.14 -14.86 1.83
C LEU A 235 1.91 -14.42 0.59
N THR A 236 1.22 -13.76 -0.34
CA THR A 236 1.73 -13.59 -1.71
C THR A 236 1.40 -12.17 -2.23
N LEU A 237 2.37 -11.48 -2.85
CA LEU A 237 2.05 -10.20 -3.49
C LEU A 237 1.45 -10.42 -4.90
N GLN A 238 0.47 -9.61 -5.22
CA GLN A 238 -0.05 -9.55 -6.58
C GLN A 238 0.04 -8.11 -7.14
N ILE A 239 0.33 -8.01 -8.44
CA ILE A 239 0.44 -6.76 -9.17
C ILE A 239 -0.56 -6.79 -10.35
N ALA A 240 -1.55 -5.92 -10.26
CA ALA A 240 -2.70 -5.95 -11.17
C ALA A 240 -2.82 -4.67 -11.96
N GLU A 241 -3.02 -4.82 -13.26
CA GLU A 241 -3.22 -3.68 -14.16
C GLU A 241 -4.61 -3.05 -13.93
N LEU A 242 -4.65 -1.73 -13.88
CA LEU A 242 -5.92 -1.03 -13.86
C LEU A 242 -6.40 -0.65 -15.26
N ALA A 243 -7.71 -0.49 -15.40
CA ALA A 243 -8.31 0.06 -16.62
C ALA A 243 -7.90 1.52 -16.84
N ASP A 244 -8.19 2.02 -18.04
CA ASP A 244 -7.74 3.34 -18.49
C ASP A 244 -8.30 4.51 -17.68
N ASP A 245 -9.42 4.34 -16.98
CA ASP A 245 -9.89 5.39 -16.05
C ASP A 245 -9.48 5.15 -14.57
N TYR A 246 -8.64 4.13 -14.33
CA TYR A 246 -8.18 3.72 -13.01
C TYR A 246 -9.26 3.23 -12.04
N LEU A 247 -10.51 3.02 -12.51
CA LEU A 247 -11.62 2.64 -11.62
C LEU A 247 -11.88 1.17 -11.47
N SER A 248 -11.16 0.33 -12.23
CA SER A 248 -11.37 -1.11 -12.17
C SER A 248 -10.11 -1.79 -12.64
N HIS A 249 -10.10 -3.11 -12.49
CA HIS A 249 -9.00 -3.98 -12.89
C HIS A 249 -9.28 -4.63 -14.26
N THR A 250 -8.27 -4.73 -15.12
CA THR A 250 -8.44 -5.28 -16.47
C THR A 250 -8.54 -6.81 -16.51
N GLY A 251 -8.08 -7.49 -15.45
CA GLY A 251 -7.93 -8.97 -15.45
C GLY A 251 -6.49 -9.45 -15.59
N LYS A 252 -5.61 -8.57 -16.04
CA LYS A 252 -4.23 -8.89 -16.16
C LYS A 252 -3.51 -8.68 -14.82
N TYR A 253 -2.84 -9.71 -14.31
CA TYR A 253 -2.08 -9.60 -13.06
C TYR A 253 -1.04 -10.70 -12.95
N ILE A 254 -0.03 -10.47 -12.14
CA ILE A 254 0.93 -11.50 -11.77
C ILE A 254 0.95 -11.68 -10.27
N ARG A 255 1.58 -12.76 -9.86
CA ARG A 255 1.82 -13.04 -8.46
C ARG A 255 3.27 -13.32 -8.22
N ILE A 256 3.79 -12.75 -7.11
CA ILE A 256 5.21 -12.86 -6.77
C ILE A 256 5.48 -13.20 -5.29
N PHE A 257 6.58 -13.94 -5.05
CA PHE A 257 7.08 -14.35 -3.73
C PHE A 257 6.01 -15.06 -2.92
N PRO A 258 5.42 -16.12 -3.53
CA PRO A 258 4.33 -16.77 -2.88
C PRO A 258 4.85 -17.46 -1.63
N GLY A 259 4.16 -17.23 -0.54
CA GLY A 259 4.60 -17.68 0.78
C GLY A 259 5.55 -16.74 1.47
N GLY A 260 6.00 -15.69 0.77
CA GLY A 260 6.93 -14.71 1.34
C GLY A 260 6.47 -13.76 2.43
N HIS A 261 5.17 -13.51 2.57
CA HIS A 261 4.66 -12.66 3.62
C HIS A 261 5.22 -11.23 3.49
N ASN A 262 5.35 -10.77 2.25
CA ASN A 262 5.66 -9.39 1.98
C ASN A 262 4.40 -8.55 2.14
N GLU A 263 4.52 -7.50 2.95
CA GLU A 263 3.43 -6.59 3.29
C GLU A 263 3.85 -5.13 3.11
N ALA A 264 2.92 -4.20 3.38
CA ALA A 264 3.20 -2.78 3.27
C ALA A 264 4.02 -2.33 2.04
N PRO A 265 3.62 -2.72 0.81
CA PRO A 265 4.51 -2.44 -0.32
C PRO A 265 4.67 -0.93 -0.62
N ALA A 266 5.88 -0.56 -1.02
CA ALA A 266 6.17 0.77 -1.51
C ALA A 266 7.05 0.63 -2.75
N ILE A 267 6.83 1.45 -3.77
CA ILE A 267 7.45 1.17 -5.09
C ILE A 267 7.85 2.42 -5.84
N PHE A 268 8.95 2.34 -6.57
CA PHE A 268 9.30 3.40 -7.49
C PHE A 268 10.06 2.84 -8.68
N LYS A 269 10.24 3.70 -9.69
CA LYS A 269 10.95 3.36 -10.94
C LYS A 269 12.02 4.38 -11.15
N LYS A 270 13.22 3.91 -11.51
CA LYS A 270 14.35 4.77 -11.76
C LYS A 270 15.15 4.22 -12.91
N GLU A 271 15.27 5.02 -13.98
CA GLU A 271 16.14 4.67 -15.12
C GLU A 271 15.81 3.31 -15.72
N GLY A 272 14.51 3.03 -15.82
CA GLY A 272 13.99 1.79 -16.40
C GLY A 272 13.73 0.64 -15.44
N THR A 273 14.28 0.71 -14.23
CA THR A 273 14.22 -0.37 -13.28
C THR A 273 13.20 -0.06 -12.17
N TYR A 274 12.47 -1.10 -11.79
CA TYR A 274 11.50 -1.05 -10.72
C TYR A 274 12.13 -1.58 -9.41
N TRP A 275 11.78 -0.90 -8.33
CA TRP A 275 12.30 -1.14 -6.94
C TRP A 275 11.14 -1.10 -5.99
N MET A 276 10.98 -2.13 -5.16
CA MET A 276 9.90 -2.23 -4.21
C MET A 276 10.47 -2.58 -2.82
N ILE A 277 10.05 -1.80 -1.82
CA ILE A 277 10.39 -2.07 -0.43
C ILE A 277 9.13 -2.59 0.25
N THR A 278 9.31 -3.66 1.02
CA THR A 278 8.22 -4.27 1.75
C THR A 278 8.65 -4.62 3.18
N SER A 279 7.65 -4.84 4.03
CA SER A 279 7.87 -5.41 5.35
C SER A 279 7.57 -6.88 5.35
N GLY A 280 7.93 -7.52 6.46
CA GLY A 280 7.36 -8.84 6.84
C GLY A 280 5.96 -8.74 7.40
N CYS A 281 5.41 -9.88 7.87
CA CYS A 281 4.03 -9.97 8.36
C CYS A 281 4.04 -10.28 9.88
N THR A 282 4.10 -9.22 10.71
CA THR A 282 4.15 -9.35 12.18
C THR A 282 3.23 -8.33 12.85
N GLY A 283 2.04 -8.17 12.28
CA GLY A 283 1.05 -7.26 12.83
C GLY A 283 1.61 -5.85 12.95
N TRP A 284 1.47 -5.25 14.14
CA TRP A 284 2.00 -3.90 14.41
C TRP A 284 3.48 -3.88 14.82
N ASP A 285 4.10 -5.04 15.01
CA ASP A 285 5.49 -5.01 15.46
C ASP A 285 6.41 -4.77 14.27
N PRO A 286 7.42 -3.91 14.44
CA PRO A 286 8.38 -3.72 13.34
C PRO A 286 9.16 -4.99 13.07
N ASN A 287 9.68 -5.08 11.85
CA ASN A 287 10.42 -6.25 11.43
C ASN A 287 11.42 -5.86 10.31
N LYS A 288 12.17 -6.83 9.79
CA LYS A 288 13.20 -6.52 8.80
C LYS A 288 12.59 -6.22 7.40
N ALA A 289 12.96 -5.09 6.81
CA ALA A 289 12.49 -4.74 5.44
C ALA A 289 13.13 -5.63 4.37
N ARG A 290 12.46 -5.70 3.21
CA ARG A 290 12.94 -6.44 2.04
C ARG A 290 13.02 -5.48 0.88
N LEU A 291 13.95 -5.73 -0.01
CA LEU A 291 14.05 -5.04 -1.29
C LEU A 291 13.78 -6.01 -2.43
N LEU A 292 12.90 -5.61 -3.36
CA LEU A 292 12.54 -6.41 -4.50
C LEU A 292 12.77 -5.58 -5.75
N THR A 293 13.17 -6.23 -6.84
CA THR A 293 13.46 -5.56 -8.10
C THR A 293 13.02 -6.31 -9.34
N ALA A 294 12.68 -5.54 -10.38
CA ALA A 294 12.36 -6.09 -11.73
C ALA A 294 12.66 -5.06 -12.84
N ASP A 295 12.91 -5.55 -14.05
CA ASP A 295 13.13 -4.69 -15.22
C ASP A 295 11.86 -4.52 -16.07
N SER A 296 10.76 -5.07 -15.59
CA SER A 296 9.43 -4.86 -16.18
CA SER A 296 9.45 -4.74 -16.13
C SER A 296 8.40 -5.07 -15.07
N MET A 297 7.35 -4.25 -15.02
CA MET A 297 6.35 -4.37 -13.94
C MET A 297 5.75 -5.77 -13.79
N LEU A 298 5.38 -6.40 -14.92
CA LEU A 298 4.76 -7.74 -14.91
C LEU A 298 5.75 -8.83 -15.32
N GLY A 299 7.04 -8.57 -15.19
CA GLY A 299 8.08 -9.60 -15.46
C GLY A 299 8.47 -10.32 -14.17
N GLU A 300 9.68 -10.88 -14.16
CA GLU A 300 10.17 -11.65 -13.01
C GLU A 300 10.82 -10.70 -12.02
N TRP A 301 10.47 -10.84 -10.75
CA TRP A 301 11.03 -10.05 -9.65
C TRP A 301 12.05 -10.89 -8.83
N LYS A 302 13.03 -10.21 -8.26
CA LYS A 302 14.13 -10.83 -7.50
C LYS A 302 14.17 -10.14 -6.12
N GLN A 303 14.58 -10.87 -5.06
CA GLN A 303 14.74 -10.32 -3.73
C GLN A 303 16.19 -10.03 -3.38
N LEU A 304 16.43 -8.85 -2.86
CA LEU A 304 17.77 -8.37 -2.49
C LEU A 304 17.81 -8.17 -0.98
N PRO A 305 19.04 -7.93 -0.43
CA PRO A 305 19.11 -7.72 1.02
C PRO A 305 18.36 -6.49 1.52
N ASN A 306 18.01 -6.51 2.82
CA ASN A 306 17.37 -5.37 3.53
C ASN A 306 17.98 -4.07 3.04
N PRO A 307 17.16 -3.09 2.59
CA PRO A 307 17.70 -1.85 2.06
C PRO A 307 18.11 -0.86 3.17
N CYS A 308 17.69 -1.12 4.39
CA CYS A 308 17.99 -0.25 5.55
C CYS A 308 19.39 -0.65 6.05
N VAL A 309 20.20 0.35 6.36
CA VAL A 309 21.58 0.14 6.82
C VAL A 309 21.83 0.93 8.08
N GLY A 310 22.79 0.47 8.87
CA GLY A 310 23.11 1.13 10.17
C GLY A 310 22.32 0.62 11.36
N GLU A 311 22.44 1.32 12.50
CA GLU A 311 21.80 0.81 13.70
C GLU A 311 20.28 0.80 13.58
N ASP A 312 19.70 -0.27 14.13
CA ASP A 312 18.29 -0.58 14.11
C ASP A 312 17.75 -0.89 12.71
N ALA A 313 18.63 -1.12 11.74
CA ALA A 313 18.16 -1.44 10.37
C ALA A 313 17.37 -2.75 10.36
N ASP A 314 17.73 -3.67 11.26
CA ASP A 314 17.02 -4.94 11.39
C ASP A 314 15.57 -4.81 11.80
N LYS A 315 15.18 -3.68 12.36
CA LYS A 315 13.81 -3.42 12.71
C LYS A 315 13.21 -2.28 11.87
N THR A 316 13.83 -1.96 10.71
CA THR A 316 13.35 -0.87 9.86
C THR A 316 13.25 0.46 10.68
N PHE A 317 14.25 0.67 11.53
CA PHE A 317 14.31 1.85 12.42
C PHE A 317 13.07 2.01 13.29
N GLY A 318 12.42 0.90 13.63
CA GLY A 318 11.18 0.87 14.43
C GLY A 318 9.91 1.19 13.65
N GLY A 319 10.02 1.23 12.32
CA GLY A 319 8.92 1.63 11.46
C GLY A 319 8.47 0.54 10.52
N GLN A 320 7.48 0.88 9.69
CA GLN A 320 6.97 0.00 8.62
C GLN A 320 6.71 0.88 7.39
N SER A 321 7.28 0.47 6.28
CA SER A 321 7.07 1.09 4.95
C SER A 321 5.62 1.50 4.66
N THR A 322 5.45 2.71 4.10
CA THR A 322 4.13 3.13 3.57
C THR A 322 4.13 3.69 2.16
N TYR A 323 5.18 4.42 1.78
CA TYR A 323 5.23 5.03 0.44
C TYR A 323 6.63 5.46 0.05
N ILE A 324 6.92 5.47 -1.25
CA ILE A 324 8.07 6.17 -1.79
C ILE A 324 7.66 7.30 -2.72
N LEU A 325 7.99 8.54 -2.34
CA LEU A 325 7.64 9.70 -3.16
C LEU A 325 8.78 10.08 -4.08
N PRO A 326 8.53 10.06 -5.41
CA PRO A 326 9.53 10.63 -6.30
C PRO A 326 9.48 12.16 -6.26
N LEU A 327 10.65 12.78 -6.42
CA LEU A 327 10.83 14.20 -6.57
C LEU A 327 11.53 14.37 -7.91
N PRO A 328 10.74 14.25 -8.99
CA PRO A 328 11.32 14.14 -10.34
C PRO A 328 12.09 15.35 -10.78
N GLU A 329 11.75 16.53 -10.24
CA GLU A 329 12.52 17.75 -10.52
C GLU A 329 13.98 17.67 -10.09
N LYS A 330 14.27 16.83 -9.09
CA LYS A 330 15.61 16.61 -8.55
C LYS A 330 16.21 15.27 -8.92
N GLY A 331 15.46 14.40 -9.60
CA GLY A 331 15.90 13.00 -9.76
C GLY A 331 16.11 12.24 -8.44
N GLN A 332 15.29 12.55 -7.44
CA GLN A 332 15.44 12.00 -6.10
C GLN A 332 14.17 11.31 -5.70
N PHE A 333 14.28 10.55 -4.61
CA PHE A 333 13.15 9.81 -4.03
C PHE A 333 13.26 9.87 -2.51
N PHE A 334 12.12 9.85 -1.81
CA PHE A 334 12.17 9.69 -0.37
C PHE A 334 11.18 8.67 0.16
N PHE A 335 11.59 8.05 1.27
CA PHE A 335 10.97 6.86 1.84
C PHE A 335 10.09 7.32 2.99
N MET A 336 8.82 6.95 2.99
CA MET A 336 7.88 7.26 4.09
C MET A 336 7.48 5.97 4.79
N ALA A 337 7.49 6.00 6.12
CA ALA A 337 7.14 4.88 6.99
C ALA A 337 6.32 5.35 8.19
N ASP A 338 5.61 4.42 8.81
CA ASP A 338 4.86 4.67 10.02
C ASP A 338 5.59 4.02 11.17
N MET A 339 5.54 4.68 12.33
CA MET A 339 6.03 4.15 13.59
C MET A 339 4.78 3.91 14.45
N TRP A 340 4.30 2.67 14.38
CA TRP A 340 2.99 2.34 14.91
C TRP A 340 2.99 2.24 16.42
N ARG A 341 1.90 2.74 17.05
CA ARG A 341 1.65 2.60 18.51
C ARG A 341 0.25 2.01 18.76
N PRO A 342 0.16 0.66 18.75
CA PRO A 342 -1.18 0.00 18.82
C PRO A 342 -2.06 0.39 20.05
N LYS A 343 -1.41 0.76 21.15
CA LYS A 343 -2.06 1.20 22.41
C LYS A 343 -2.77 2.58 22.29
N SER A 344 -2.27 3.45 21.41
CA SER A 344 -2.99 4.66 21.03
CA SER A 344 -3.04 4.64 20.99
C SER A 344 -2.62 5.02 19.60
N LEU A 345 -3.34 4.45 18.63
CA LEU A 345 -2.92 4.55 17.22
C LEU A 345 -2.75 6.00 16.74
N ALA A 346 -3.45 6.95 17.33
CA ALA A 346 -3.26 8.37 16.99
C ALA A 346 -1.89 8.92 17.38
N ASP A 347 -1.21 8.26 18.32
CA ASP A 347 0.11 8.67 18.76
C ASP A 347 1.21 8.08 17.84
N SER A 348 0.84 7.19 16.91
CA SER A 348 1.79 6.70 15.88
C SER A 348 2.52 7.86 15.19
N ARG A 349 3.83 7.70 14.96
CA ARG A 349 4.67 8.79 14.40
C ARG A 349 5.07 8.49 12.93
N TYR A 350 5.86 9.39 12.36
CA TYR A 350 6.27 9.28 10.94
C TYR A 350 7.80 9.25 10.78
N ILE A 351 8.30 8.33 9.96
CA ILE A 351 9.71 8.29 9.61
C ILE A 351 9.78 8.61 8.13
N TRP A 352 10.42 9.71 7.78
CA TRP A 352 10.67 10.05 6.36
C TRP A 352 12.16 10.22 6.19
N LEU A 353 12.74 9.51 5.23
CA LEU A 353 14.20 9.46 5.02
C LEU A 353 14.52 9.44 3.53
N PRO A 354 15.62 10.07 3.14
CA PRO A 354 15.96 10.05 1.73
C PRO A 354 16.35 8.66 1.25
N VAL A 355 16.00 8.33 0.00
CA VAL A 355 16.53 7.13 -0.61
C VAL A 355 17.90 7.51 -1.21
N GLN A 356 18.90 6.74 -0.83
CA GLN A 356 20.26 6.87 -1.37
C GLN A 356 20.51 5.70 -2.30
N PHE A 357 21.58 5.78 -3.09
CA PHE A 357 21.88 4.74 -4.06
C PHE A 357 23.38 4.41 -4.02
N ASP A 358 23.72 3.12 -3.99
CA ASP A 358 25.13 2.70 -3.96
C ASP A 358 25.77 2.78 -5.34
N ASP A 359 27.04 2.39 -5.45
CA ASP A 359 27.79 2.57 -6.69
C ASP A 359 27.30 1.66 -7.82
N LYS A 360 26.53 0.63 -7.51
CA LYS A 360 25.83 -0.19 -8.52
C LYS A 360 24.38 0.27 -8.85
N GLY A 361 23.93 1.38 -8.27
CA GLY A 361 22.57 1.87 -8.46
C GLY A 361 21.48 1.23 -7.56
N VAL A 362 21.88 0.46 -6.55
CA VAL A 362 20.92 -0.23 -5.68
C VAL A 362 20.50 0.73 -4.56
N PRO A 363 19.18 0.95 -4.39
CA PRO A 363 18.77 1.86 -3.32
C PRO A 363 19.04 1.35 -1.90
N PHE A 364 19.39 2.28 -0.99
CA PHE A 364 19.47 1.98 0.43
C PHE A 364 19.00 3.15 1.25
N ILE A 365 18.69 2.91 2.52
CA ILE A 365 18.11 3.92 3.43
C ILE A 365 18.92 3.99 4.75
N LYS A 366 19.44 5.18 5.07
CA LYS A 366 20.07 5.48 6.38
C LYS A 366 19.22 6.44 7.21
N TRP A 367 19.25 6.22 8.52
CA TRP A 367 18.55 7.12 9.47
C TRP A 367 19.27 8.46 9.52
N MET A 368 18.51 9.55 9.56
CA MET A 368 19.05 10.87 9.86
C MET A 368 18.06 11.52 10.82
N ASP A 369 18.57 12.15 11.88
CA ASP A 369 17.72 12.79 12.88
C ASP A 369 16.92 13.92 12.27
N ARG A 370 17.60 14.79 11.52
CA ARG A 370 16.98 15.92 10.83
C ARG A 370 17.61 16.07 9.49
N TRP A 371 16.80 16.30 8.46
CA TRP A 371 17.37 16.56 7.13
C TRP A 371 16.47 17.49 6.34
N ASN A 372 17.00 18.01 5.22
CA ASN A 372 16.37 19.05 4.42
C ASN A 372 16.38 18.68 2.95
N PHE A 373 15.38 19.15 2.20
CA PHE A 373 15.27 18.82 0.77
C PHE A 373 16.25 19.56 -0.16
#